data_2N5R
#
_entry.id   2N5R
#
_entity_poly.entity_id   1
_entity_poly.type   'polypeptide(L)'
_entity_poly.pdbx_seq_one_letter_code
;VRRFDLLKRILK
;
_entity_poly.pdbx_strand_id   A
#
# COMPACT_ATOMS: atom_id res chain seq x y z
N VAL A 1 -1.36 -3.79 9.71
CA VAL A 1 -1.70 -2.77 10.71
C VAL A 1 -1.43 -1.35 10.18
N ARG A 2 -2.46 -0.77 9.53
CA ARG A 2 -2.36 0.31 8.52
C ARG A 2 -1.48 -0.03 7.27
N ARG A 3 -1.15 -1.31 7.08
CA ARG A 3 -0.28 -1.85 6.01
C ARG A 3 -1.06 -2.19 4.72
N PHE A 4 -1.00 -3.45 4.23
CA PHE A 4 -1.06 -3.92 2.82
C PHE A 4 -2.33 -3.75 1.96
N ASP A 5 -2.76 -2.50 1.89
CA ASP A 5 -3.07 -1.83 0.64
C ASP A 5 -2.01 -0.75 0.41
N LEU A 6 -1.34 -0.21 1.43
CA LEU A 6 -0.32 0.83 1.21
C LEU A 6 0.93 0.48 0.36
N LEU A 7 1.19 -0.79 -0.02
CA LEU A 7 2.06 -1.10 -1.21
C LEU A 7 1.31 -1.31 -2.53
N LYS A 8 0.02 -1.62 -2.48
CA LYS A 8 -0.91 -1.38 -3.61
C LYS A 8 -1.16 0.12 -3.82
N ARG A 9 -0.63 0.99 -2.94
CA ARG A 9 -0.44 2.44 -3.16
C ARG A 9 0.93 2.82 -3.75
N ILE A 10 2.04 2.13 -3.46
CA ILE A 10 3.37 2.50 -4.03
C ILE A 10 3.45 2.23 -5.54
N LEU A 11 2.67 1.27 -6.09
CA LEU A 11 2.62 1.03 -7.54
C LEU A 11 1.89 2.11 -8.38
N LYS A 12 1.21 3.05 -7.70
CA LYS A 12 0.07 3.84 -8.22
C LYS A 12 0.25 4.37 -9.66
N VAL A 1 -4.08 -3.35 10.37
CA VAL A 1 -4.16 -3.49 8.93
C VAL A 1 -3.68 -2.27 8.15
N ARG A 2 -2.68 -1.58 8.69
CA ARG A 2 -2.10 -0.39 8.07
C ARG A 2 -0.87 -0.62 7.18
N ARG A 3 -0.36 -1.86 7.08
CA ARG A 3 0.44 -2.31 5.92
C ARG A 3 0.12 -3.73 5.46
N PHE A 4 -0.94 -3.87 4.65
CA PHE A 4 -0.83 -3.68 3.20
C PHE A 4 -2.17 -3.55 2.40
N ASP A 5 -2.88 -2.42 2.55
CA ASP A 5 -3.12 -1.50 1.41
C ASP A 5 -2.65 -0.08 1.69
N LEU A 6 -1.37 -0.01 2.07
CA LEU A 6 -0.42 0.99 1.57
C LEU A 6 0.85 0.27 1.09
N LEU A 7 1.64 0.93 0.23
CA LEU A 7 2.20 0.34 -1.01
C LEU A 7 1.13 0.09 -2.10
N LYS A 8 -0.10 0.61 -1.87
CA LYS A 8 -1.02 1.13 -2.90
C LYS A 8 -0.36 2.19 -3.81
N ARG A 9 0.63 2.93 -3.29
CA ARG A 9 1.50 3.87 -4.04
C ARG A 9 2.59 3.23 -4.95
N ILE A 10 2.82 1.93 -4.83
CA ILE A 10 3.71 1.12 -5.68
C ILE A 10 2.88 0.40 -6.78
N LEU A 11 1.60 0.10 -6.48
CA LEU A 11 0.52 -0.28 -7.42
C LEU A 11 0.23 0.77 -8.53
N LYS A 12 0.66 2.03 -8.35
CA LYS A 12 0.25 3.20 -9.17
C LYS A 12 0.14 2.91 -10.68
N VAL A 1 -0.16 -5.10 10.15
CA VAL A 1 0.27 -4.20 11.24
C VAL A 1 0.14 -2.72 10.83
N ARG A 2 -1.09 -2.33 10.52
CA ARG A 2 -1.51 -1.09 9.80
C ARG A 2 -0.79 -0.91 8.46
N ARG A 3 -0.74 -1.96 7.62
CA ARG A 3 -0.39 -1.79 6.18
C ARG A 3 -1.33 -2.36 5.09
N PHE A 4 -0.87 -3.39 4.37
CA PHE A 4 -0.82 -3.58 2.90
C PHE A 4 -2.06 -3.53 1.93
N ASP A 5 -2.95 -2.57 2.24
CA ASP A 5 -3.34 -1.52 1.29
C ASP A 5 -2.78 -0.12 1.65
N LEU A 6 -1.47 -0.13 1.87
CA LEU A 6 -0.45 0.90 1.56
C LEU A 6 0.79 0.14 0.99
N LEU A 7 1.69 0.83 0.27
CA LEU A 7 2.30 0.32 -0.99
C LEU A 7 1.24 0.08 -2.10
N LYS A 8 0.00 0.51 -1.82
CA LYS A 8 -0.94 1.09 -2.81
C LYS A 8 -0.34 2.24 -3.63
N ARG A 9 0.80 2.85 -3.23
CA ARG A 9 1.52 3.85 -4.06
C ARG A 9 2.58 3.24 -5.01
N ILE A 10 3.07 2.05 -4.67
CA ILE A 10 3.86 1.13 -5.53
C ILE A 10 2.91 0.42 -6.55
N LEU A 11 1.59 0.24 -6.25
CA LEU A 11 0.56 -0.19 -7.25
C LEU A 11 0.41 0.78 -8.44
N LYS A 12 0.76 2.07 -8.25
CA LYS A 12 0.28 3.25 -9.00
C LYS A 12 -1.12 3.62 -8.52
N VAL A 1 -4.36 -3.85 8.89
CA VAL A 1 -4.83 -2.52 9.25
C VAL A 1 -4.02 -1.44 8.52
N ARG A 2 -2.75 -1.71 8.20
CA ARG A 2 -1.81 -0.70 7.63
C ARG A 2 -0.63 -1.29 6.83
N ARG A 3 -0.81 -2.50 6.30
CA ARG A 3 -0.39 -2.90 4.94
C ARG A 3 -1.39 -3.96 4.42
N PHE A 4 -1.84 -3.88 3.16
CA PHE A 4 -1.02 -4.06 1.95
C PHE A 4 -1.45 -3.27 0.70
N ASP A 5 -2.37 -2.33 0.82
CA ASP A 5 -2.64 -1.34 -0.22
C ASP A 5 -1.71 -0.12 -0.22
N LEU A 6 -1.37 0.42 0.97
CA LEU A 6 -0.39 1.53 1.18
C LEU A 6 0.99 1.45 0.49
N LEU A 7 1.36 0.28 -0.06
CA LEU A 7 2.56 0.04 -0.88
C LEU A 7 2.27 -0.31 -2.37
N LYS A 8 1.01 -0.55 -2.77
CA LYS A 8 0.57 -0.31 -4.17
C LYS A 8 0.49 1.20 -4.43
N ARG A 9 0.20 1.97 -3.37
CA ARG A 9 0.38 3.43 -3.31
C ARG A 9 1.85 3.89 -3.37
N ILE A 10 2.82 2.99 -3.23
CA ILE A 10 4.25 3.27 -3.47
C ILE A 10 4.66 2.86 -4.89
N LEU A 11 4.03 1.84 -5.47
CA LEU A 11 4.28 1.39 -6.85
C LEU A 11 3.51 2.22 -7.92
N LYS A 12 2.51 3.03 -7.53
CA LYS A 12 1.83 4.01 -8.40
C LYS A 12 2.14 5.43 -7.91
N VAL A 1 -3.02 -3.82 10.62
CA VAL A 1 -2.21 -2.62 10.90
C VAL A 1 -1.98 -1.81 9.61
N ARG A 2 -2.16 -0.48 9.71
CA ARG A 2 -2.07 0.61 8.69
C ARG A 2 -1.11 0.33 7.50
N ARG A 3 -1.54 -0.55 6.61
CA ARG A 3 -0.80 -1.23 5.53
C ARG A 3 -1.87 -1.95 4.67
N PHE A 4 -1.48 -2.91 3.85
CA PHE A 4 -1.62 -2.87 2.38
C PHE A 4 -2.81 -2.28 1.57
N ASP A 5 -3.00 -0.98 1.80
CA ASP A 5 -3.08 0.06 0.70
C ASP A 5 -1.89 1.04 0.59
N LEU A 6 -0.69 0.64 1.05
CA LEU A 6 0.55 1.42 0.77
C LEU A 6 1.69 0.74 -0.03
N LEU A 7 1.48 -0.45 -0.60
CA LEU A 7 2.22 -0.92 -1.80
C LEU A 7 1.41 -0.89 -3.09
N LYS A 8 0.07 -0.78 -3.00
CA LYS A 8 -0.73 -0.21 -4.10
C LYS A 8 -0.58 1.33 -4.23
N ARG A 9 0.31 1.94 -3.42
CA ARG A 9 0.96 3.25 -3.67
C ARG A 9 2.30 3.12 -4.40
N ILE A 10 3.20 2.24 -3.94
CA ILE A 10 4.56 2.08 -4.51
C ILE A 10 4.55 1.54 -5.97
N LEU A 11 3.62 0.65 -6.33
CA LEU A 11 3.50 0.10 -7.70
C LEU A 11 2.76 1.04 -8.70
N LYS A 12 2.58 2.34 -8.39
CA LYS A 12 1.81 3.28 -9.24
C LYS A 12 2.47 3.39 -10.63
N VAL A 1 -0.04 -4.67 10.81
CA VAL A 1 -0.03 -3.43 11.60
C VAL A 1 0.02 -2.21 10.67
N ARG A 2 -1.17 -1.70 10.33
CA ARG A 2 -1.43 -0.57 9.41
C ARG A 2 -0.74 -0.56 8.03
N ARG A 3 -0.47 -1.72 7.41
CA ARG A 3 0.02 -1.79 5.99
C ARG A 3 -0.91 -2.42 4.92
N PHE A 4 -0.43 -3.44 4.20
CA PHE A 4 -0.35 -3.60 2.73
C PHE A 4 -1.50 -3.44 1.69
N ASP A 5 -2.52 -2.64 2.01
CA ASP A 5 -3.09 -1.60 1.13
C ASP A 5 -2.72 -0.11 1.43
N LEU A 6 -1.62 0.08 2.17
CA LEU A 6 -0.48 0.91 1.68
C LEU A 6 0.67 0.07 1.05
N LEU A 7 1.56 0.74 0.31
CA LEU A 7 2.21 0.27 -0.93
C LEU A 7 1.25 0.03 -2.11
N LYS A 8 0.00 0.49 -1.99
CA LYS A 8 -0.75 1.04 -3.13
C LYS A 8 -0.36 2.52 -3.41
N ARG A 9 0.90 2.88 -3.06
CA ARG A 9 1.71 3.91 -3.76
C ARG A 9 2.81 3.34 -4.68
N ILE A 10 3.13 2.06 -4.54
CA ILE A 10 3.99 1.31 -5.46
C ILE A 10 3.15 0.84 -6.69
N LEU A 11 1.87 0.50 -6.41
CA LEU A 11 0.72 0.87 -7.31
C LEU A 11 0.35 2.38 -7.26
N LYS A 12 1.27 3.24 -7.74
CA LYS A 12 0.97 4.58 -8.30
C LYS A 12 0.06 5.43 -7.39
N VAL A 1 -1.38 -3.20 10.42
CA VAL A 1 -0.81 -2.12 11.25
C VAL A 1 -0.36 -0.93 10.40
N ARG A 2 -1.37 -0.26 9.84
CA ARG A 2 -1.23 0.74 8.75
C ARG A 2 -0.50 0.17 7.54
N ARG A 3 -0.73 -1.13 7.32
CA ARG A 3 -0.21 -1.86 6.15
C ARG A 3 -1.36 -2.09 5.14
N PHE A 4 -1.49 -3.25 4.51
CA PHE A 4 -1.85 -3.47 3.07
C PHE A 4 -3.05 -2.85 2.29
N ASP A 5 -3.07 -1.53 2.29
CA ASP A 5 -3.18 -0.66 1.08
C ASP A 5 -2.06 0.39 0.88
N LEU A 6 -0.83 0.02 1.29
CA LEU A 6 0.37 0.90 1.09
C LEU A 6 1.54 0.27 0.31
N LEU A 7 1.47 -1.02 -0.07
CA LEU A 7 2.22 -1.54 -1.23
C LEU A 7 1.38 -1.51 -2.53
N LYS A 8 0.05 -1.47 -2.38
CA LYS A 8 -0.90 -1.01 -3.39
C LYS A 8 -1.01 0.54 -3.39
N ARG A 9 -0.01 1.21 -2.77
CA ARG A 9 0.54 2.52 -3.18
C ARG A 9 1.88 2.44 -3.93
N ILE A 10 2.80 1.55 -3.51
CA ILE A 10 4.15 1.46 -4.11
C ILE A 10 4.12 0.89 -5.55
N LEU A 11 3.07 0.14 -5.92
CA LEU A 11 2.72 -0.16 -7.34
C LEU A 11 2.40 1.07 -8.19
N LYS A 12 2.18 2.21 -7.54
CA LYS A 12 1.08 3.18 -7.79
C LYS A 12 -0.33 2.76 -7.37
N VAL A 1 -4.40 -2.77 11.44
CA VAL A 1 -4.48 -2.37 10.04
C VAL A 1 -3.64 -1.12 9.69
N ARG A 2 -2.58 -1.31 8.89
CA ARG A 2 -1.75 -0.23 8.26
C ARG A 2 -0.92 -0.70 7.06
N ARG A 3 -0.76 -2.02 6.77
CA ARG A 3 0.15 -2.51 5.73
C ARG A 3 -0.48 -3.76 5.13
N PHE A 4 -1.37 -3.49 4.19
CA PHE A 4 -1.18 -3.76 2.73
C PHE A 4 -2.31 -3.35 1.80
N ASP A 5 -2.55 -2.05 1.88
CA ASP A 5 -2.97 -1.20 0.79
C ASP A 5 -2.26 0.16 0.77
N LEU A 6 -1.06 0.26 1.32
CA LEU A 6 -0.16 1.39 0.99
C LEU A 6 0.96 1.05 -0.01
N LEU A 7 1.41 -0.22 -0.08
CA LEU A 7 2.38 -0.58 -1.14
C LEU A 7 1.77 -0.66 -2.55
N LYS A 8 0.52 -1.12 -2.73
CA LYS A 8 -0.21 -0.97 -4.00
C LYS A 8 -0.87 0.41 -4.22
N ARG A 9 -0.38 1.44 -3.50
CA ARG A 9 -0.50 2.84 -3.93
C ARG A 9 0.82 3.41 -4.43
N ILE A 10 1.94 2.99 -3.85
CA ILE A 10 3.29 3.30 -4.35
C ILE A 10 3.49 2.69 -5.74
N LEU A 11 3.04 1.44 -5.94
CA LEU A 11 3.15 0.73 -7.21
C LEU A 11 2.16 1.23 -8.29
N LYS A 12 1.22 2.15 -7.99
CA LYS A 12 0.12 2.49 -8.92
C LYS A 12 -0.74 1.26 -9.26
N VAL A 1 -3.36 -3.55 10.14
CA VAL A 1 -4.21 -2.37 9.82
C VAL A 1 -3.38 -1.27 9.13
N ARG A 2 -2.14 -1.61 8.73
CA ARG A 2 -1.26 -0.70 7.98
C ARG A 2 -0.32 -1.41 6.99
N ARG A 3 -0.58 -2.68 6.65
CA ARG A 3 -0.18 -3.25 5.34
C ARG A 3 -1.12 -4.36 4.80
N PHE A 4 -2.03 -4.00 3.86
CA PHE A 4 -1.73 -3.74 2.44
C PHE A 4 -2.81 -3.23 1.43
N ASP A 5 -3.19 -1.97 1.57
CA ASP A 5 -3.33 -1.03 0.41
C ASP A 5 -2.51 0.28 0.45
N LEU A 6 -1.36 0.19 1.10
CA LEU A 6 -0.33 1.24 1.06
C LEU A 6 0.98 0.86 0.36
N LEU A 7 1.01 -0.24 -0.41
CA LEU A 7 2.06 -0.49 -1.42
C LEU A 7 1.57 -0.67 -2.85
N LYS A 8 0.29 -1.02 -3.09
CA LYS A 8 -0.26 -0.92 -4.44
C LYS A 8 -0.34 0.58 -4.84
N ARG A 9 -0.66 1.40 -3.83
CA ARG A 9 -0.40 2.87 -3.76
C ARG A 9 1.04 3.36 -4.01
N ILE A 10 2.08 2.56 -3.72
CA ILE A 10 3.50 2.89 -4.01
C ILE A 10 3.93 2.38 -5.40
N LEU A 11 3.47 1.18 -5.81
CA LEU A 11 3.84 0.50 -7.07
C LEU A 11 3.10 1.02 -8.32
N LYS A 12 2.27 2.06 -8.19
CA LYS A 12 1.29 2.47 -9.22
C LYS A 12 0.34 1.32 -9.54
N VAL A 1 0.01 0.11 13.01
CA VAL A 1 -1.00 0.40 11.98
C VAL A 1 -0.38 0.39 10.57
N ARG A 2 -1.26 0.42 9.56
CA ARG A 2 -1.00 0.92 8.19
C ARG A 2 0.12 0.19 7.44
N ARG A 3 0.09 -1.15 7.45
CA ARG A 3 0.54 -1.92 6.26
C ARG A 3 -0.45 -3.03 5.83
N PHE A 4 -1.37 -2.73 4.88
CA PHE A 4 -1.26 -3.16 3.48
C PHE A 4 -2.28 -2.78 2.34
N ASP A 5 -2.80 -1.55 2.39
CA ASP A 5 -3.09 -0.70 1.20
C ASP A 5 -2.22 0.57 1.14
N LEU A 6 -0.91 0.38 1.23
CA LEU A 6 0.09 1.46 0.99
C LEU A 6 1.28 1.07 0.09
N LEU A 7 1.31 -0.18 -0.36
CA LEU A 7 2.14 -0.66 -1.49
C LEU A 7 1.29 -1.13 -2.69
N LYS A 8 -0.01 -1.36 -2.41
CA LYS A 8 -1.10 -1.11 -3.37
C LYS A 8 -1.21 0.40 -3.77
N ARG A 9 -0.45 1.31 -3.10
CA ARG A 9 -0.13 2.71 -3.47
C ARG A 9 1.22 2.94 -4.22
N ILE A 10 2.31 2.21 -3.95
CA ILE A 10 3.62 2.44 -4.65
C ILE A 10 3.63 1.91 -6.11
N LEU A 11 2.77 0.93 -6.46
CA LEU A 11 2.50 0.65 -7.88
C LEU A 11 1.68 1.76 -8.57
N LYS A 12 0.87 2.50 -7.80
CA LYS A 12 -0.20 3.43 -8.22
C LYS A 12 -1.29 2.74 -9.05
N VAL A 1 -0.14 -1.31 12.33
CA VAL A 1 -0.62 -2.32 11.37
C VAL A 1 -0.82 -1.70 9.98
N ARG A 2 -0.77 -0.36 9.87
CA ARG A 2 -1.07 0.50 8.68
C ARG A 2 -0.38 0.08 7.37
N ARG A 3 -0.99 -0.92 6.73
CA ARG A 3 -0.53 -1.65 5.54
C ARG A 3 -1.77 -2.40 5.01
N PHE A 4 -1.58 -3.52 4.32
CA PHE A 4 -2.00 -3.78 2.95
C PHE A 4 -3.31 -3.28 2.25
N ASP A 5 -3.28 -1.94 2.00
CA ASP A 5 -3.46 -1.32 0.67
C ASP A 5 -2.23 -0.61 0.03
N LEU A 6 -1.10 -0.58 0.75
CA LEU A 6 -0.02 0.40 0.42
C LEU A 6 1.14 -0.04 -0.50
N LEU A 7 1.18 -1.33 -0.92
CA LEU A 7 1.87 -1.66 -2.18
C LEU A 7 1.06 -1.24 -3.42
N LYS A 8 -0.23 -0.89 -3.27
CA LYS A 8 -0.98 -0.20 -4.32
C LYS A 8 -0.74 1.33 -4.29
N ARG A 9 -0.29 1.91 -3.15
CA ARG A 9 0.52 3.16 -3.17
C ARG A 9 1.87 3.03 -3.93
N ILE A 10 2.76 2.07 -3.60
CA ILE A 10 4.09 1.95 -4.26
C ILE A 10 3.99 1.78 -5.81
N LEU A 11 3.04 0.98 -6.32
CA LEU A 11 2.89 0.71 -7.76
C LEU A 11 2.21 1.85 -8.57
N LYS A 12 1.85 2.98 -7.95
CA LYS A 12 0.80 3.89 -8.47
C LYS A 12 -0.52 3.18 -8.79
N VAL A 1 -3.24 -3.65 9.33
CA VAL A 1 -4.08 -3.09 8.24
C VAL A 1 -3.70 -1.66 7.88
N ARG A 2 -2.53 -1.21 8.36
CA ARG A 2 -1.79 -0.09 7.77
C ARG A 2 -0.47 -0.49 7.10
N ARG A 3 -0.22 -1.80 6.92
CA ARG A 3 0.47 -2.31 5.71
C ARG A 3 -0.08 -3.65 5.17
N PHE A 4 -1.04 -3.57 4.20
CA PHE A 4 -0.76 -3.81 2.76
C PHE A 4 -1.86 -3.50 1.67
N ASP A 5 -2.45 -2.30 1.67
CA ASP A 5 -2.80 -1.62 0.38
C ASP A 5 -2.21 -0.19 0.32
N LEU A 6 -1.09 -0.02 1.05
CA LEU A 6 -0.14 1.13 0.81
C LEU A 6 1.11 0.82 -0.03
N LEU A 7 1.52 -0.45 -0.24
CA LEU A 7 2.44 -0.73 -1.38
C LEU A 7 1.70 -1.06 -2.68
N LYS A 8 0.43 -1.45 -2.60
CA LYS A 8 -0.52 -1.34 -3.73
C LYS A 8 -1.06 0.10 -3.86
N ARG A 9 -0.45 1.07 -3.15
CA ARG A 9 -0.43 2.52 -3.43
C ARG A 9 0.91 3.06 -3.96
N ILE A 10 2.05 2.37 -3.72
CA ILE A 10 3.36 2.73 -4.33
C ILE A 10 3.49 2.18 -5.77
N LEU A 11 2.84 1.04 -6.02
CA LEU A 11 2.43 0.60 -7.38
C LEU A 11 0.96 1.01 -7.70
N LYS A 12 0.59 2.27 -7.44
CA LYS A 12 -0.55 2.99 -8.09
C LYS A 12 -0.29 4.49 -8.19
N VAL A 1 -2.67 -4.62 7.32
CA VAL A 1 -2.04 -4.60 8.65
C VAL A 1 -1.23 -3.30 8.86
N ARG A 2 -2.06 -2.25 9.01
CA ARG A 2 -1.65 -0.82 9.04
C ARG A 2 -0.86 -0.34 7.81
N ARG A 3 -1.15 -0.93 6.63
CA ARG A 3 -0.68 -0.41 5.33
C ARG A 3 -1.37 -0.97 4.08
N PHE A 4 -2.56 -1.56 4.17
CA PHE A 4 -3.24 -2.15 3.00
C PHE A 4 -4.12 -1.29 2.08
N ASP A 5 -3.84 0.03 2.13
CA ASP A 5 -3.60 0.82 0.90
C ASP A 5 -2.29 1.65 0.85
N LEU A 6 -1.14 0.99 1.09
CA LEU A 6 0.20 1.45 0.64
C LEU A 6 0.78 0.60 -0.51
N LEU A 7 0.35 -0.65 -0.68
CA LEU A 7 0.83 -1.51 -1.79
C LEU A 7 0.41 -1.01 -3.17
N LYS A 8 -0.84 -0.51 -3.30
CA LYS A 8 -1.32 0.13 -4.54
C LYS A 8 -0.64 1.50 -4.79
N ARG A 9 0.11 2.00 -3.81
CA ARG A 9 1.07 3.11 -3.98
C ARG A 9 2.50 2.65 -4.29
N ILE A 10 3.03 1.53 -3.78
CA ILE A 10 4.35 1.00 -4.23
C ILE A 10 4.32 0.49 -5.68
N LEU A 11 3.19 -0.02 -6.20
CA LEU A 11 3.11 -0.46 -7.61
C LEU A 11 2.93 0.68 -8.65
N LYS A 12 2.78 1.96 -8.22
CA LYS A 12 2.41 3.11 -9.08
C LYS A 12 3.24 3.12 -10.39
N VAL A 1 -1.75 -2.05 12.05
CA VAL A 1 -1.41 -2.68 10.75
C VAL A 1 -0.97 -1.56 9.86
N ARG A 2 -1.88 -0.60 9.57
CA ARG A 2 -1.72 0.48 8.56
C ARG A 2 -0.99 0.02 7.29
N ARG A 3 -1.27 -1.23 6.92
CA ARG A 3 -0.57 -1.97 5.89
C ARG A 3 -1.50 -2.19 4.67
N PHE A 4 -1.59 -3.41 4.07
CA PHE A 4 -1.81 -3.65 2.62
C PHE A 4 -3.04 -3.24 1.75
N ASP A 5 -3.38 -1.93 1.77
CA ASP A 5 -3.50 -1.11 0.53
C ASP A 5 -2.41 -0.03 0.31
N LEU A 6 -1.26 -0.14 1.01
CA LEU A 6 -0.14 0.84 0.87
C LEU A 6 1.10 0.40 0.06
N LEU A 7 1.21 -0.89 -0.31
CA LEU A 7 1.99 -1.29 -1.49
C LEU A 7 1.18 -1.29 -2.79
N LYS A 8 -0.15 -1.41 -2.70
CA LYS A 8 -1.02 -1.10 -3.83
C LYS A 8 -1.17 0.44 -4.03
N ARG A 9 -0.59 1.26 -3.12
CA ARG A 9 -0.09 2.65 -3.40
C ARG A 9 1.32 2.71 -4.01
N ILE A 10 2.29 1.88 -3.61
CA ILE A 10 3.68 1.99 -4.15
C ILE A 10 3.81 1.49 -5.60
N LEU A 11 2.92 0.62 -6.11
CA LEU A 11 2.85 0.27 -7.56
C LEU A 11 2.41 1.43 -8.46
N LYS A 12 1.71 2.44 -7.91
CA LYS A 12 0.70 3.28 -8.60
C LYS A 12 0.93 3.48 -10.11
N VAL A 1 -2.62 -2.68 11.87
CA VAL A 1 -2.55 -3.00 10.44
C VAL A 1 -1.94 -1.76 9.78
N ARG A 2 -2.75 -0.89 9.15
CA ARG A 2 -2.33 0.16 8.19
C ARG A 2 -1.25 -0.31 7.19
N ARG A 3 -1.30 -1.60 6.84
CA ARG A 3 -0.56 -2.18 5.73
C ARG A 3 -1.51 -2.26 4.51
N PHE A 4 -1.47 -3.34 3.72
CA PHE A 4 -1.73 -3.28 2.26
C PHE A 4 -3.09 -2.75 1.70
N ASP A 5 -3.06 -1.45 1.42
CA ASP A 5 -3.01 -0.90 0.06
C ASP A 5 -1.83 0.09 -0.11
N LEU A 6 -1.01 0.24 0.93
CA LEU A 6 0.15 1.16 0.83
C LEU A 6 1.36 0.69 0.00
N LEU A 7 1.38 -0.53 -0.55
CA LEU A 7 2.31 -0.88 -1.65
C LEU A 7 1.66 -0.82 -3.06
N LYS A 8 0.32 -0.88 -3.15
CA LYS A 8 -0.41 -0.25 -4.28
C LYS A 8 -0.47 1.29 -4.22
N ARG A 9 0.21 1.93 -3.24
CA ARG A 9 0.66 3.34 -3.27
C ARG A 9 2.11 3.50 -3.76
N ILE A 10 3.00 2.53 -3.52
CA ILE A 10 4.35 2.51 -4.12
C ILE A 10 4.29 2.22 -5.64
N LEU A 11 3.37 1.35 -6.08
CA LEU A 11 3.18 0.99 -7.51
C LEU A 11 2.32 1.99 -8.32
N LYS A 12 1.55 2.89 -7.67
CA LYS A 12 0.82 3.98 -8.34
C LYS A 12 0.71 5.22 -7.44
N VAL A 1 -0.30 -1.56 12.17
CA VAL A 1 -1.34 -2.20 11.34
C VAL A 1 -1.80 -1.45 10.10
N ARG A 2 -1.52 -0.14 9.97
CA ARG A 2 -1.70 0.63 8.72
C ARG A 2 -0.78 0.09 7.63
N ARG A 3 -1.23 -0.98 6.97
CA ARG A 3 -0.49 -1.72 5.95
C ARG A 3 -1.47 -2.22 4.87
N PHE A 4 -1.23 -3.37 4.23
CA PHE A 4 -1.47 -3.72 2.80
C PHE A 4 -2.71 -3.37 1.93
N ASP A 5 -3.15 -2.10 1.96
CA ASP A 5 -3.32 -1.24 0.73
C ASP A 5 -2.32 -0.05 0.64
N LEU A 6 -1.09 -0.14 1.20
CA LEU A 6 -0.09 0.98 1.14
C LEU A 6 1.08 0.77 0.16
N LEU A 7 1.21 -0.42 -0.43
CA LEU A 7 2.10 -0.72 -1.55
C LEU A 7 1.40 -0.98 -2.88
N LYS A 8 0.06 -1.12 -2.86
CA LYS A 8 -0.78 -0.79 -4.01
C LYS A 8 -1.10 0.74 -4.03
N ARG A 9 -0.53 1.54 -3.10
CA ARG A 9 -0.24 2.99 -3.31
C ARG A 9 1.11 3.19 -4.00
N ILE A 10 2.17 2.53 -3.53
CA ILE A 10 3.52 2.64 -4.16
C ILE A 10 3.54 2.19 -5.65
N LEU A 11 2.87 1.10 -6.03
CA LEU A 11 2.82 0.61 -7.43
C LEU A 11 1.93 1.44 -8.37
N LYS A 12 1.22 2.47 -7.86
CA LYS A 12 0.19 3.21 -8.61
C LYS A 12 -0.87 2.21 -9.13
N VAL A 1 -1.23 -1.55 12.54
CA VAL A 1 -1.32 -2.50 11.42
C VAL A 1 -1.41 -1.77 10.08
N ARG A 2 -1.77 -0.47 10.04
CA ARG A 2 -2.04 0.44 8.90
C ARG A 2 -1.19 0.20 7.62
N ARG A 3 -1.52 -0.91 6.95
CA ARG A 3 -0.86 -1.54 5.79
C ARG A 3 -2.02 -2.23 5.03
N PHE A 4 -1.90 -3.48 4.57
CA PHE A 4 -2.11 -3.85 3.16
C PHE A 4 -3.39 -3.58 2.31
N ASP A 5 -3.51 -2.26 2.00
CA ASP A 5 -3.64 -1.71 0.65
C ASP A 5 -2.57 -0.67 0.20
N LEU A 6 -1.41 -0.58 0.89
CA LEU A 6 -0.41 0.48 0.60
C LEU A 6 0.89 0.09 -0.15
N LEU A 7 1.03 -1.17 -0.60
CA LEU A 7 1.94 -1.46 -1.74
C LEU A 7 1.29 -1.24 -3.11
N LYS A 8 -0.03 -1.44 -3.23
CA LYS A 8 -0.85 -0.79 -4.29
C LYS A 8 -0.94 0.77 -4.19
N ARG A 9 -0.26 1.39 -3.20
CA ARG A 9 0.14 2.82 -3.14
C ARG A 9 1.65 3.13 -3.41
N ILE A 10 2.64 2.28 -3.07
CA ILE A 10 4.05 2.41 -3.59
C ILE A 10 4.14 2.09 -5.09
N LEU A 11 3.23 1.24 -5.60
CA LEU A 11 3.10 0.91 -7.03
C LEU A 11 2.48 2.11 -7.78
N LYS A 12 1.67 2.90 -7.06
CA LYS A 12 1.04 4.15 -7.50
C LYS A 12 0.36 3.97 -8.86
N VAL A 1 -3.57 -3.60 10.79
CA VAL A 1 -3.00 -2.27 11.10
C VAL A 1 -2.01 -1.80 10.01
N ARG A 2 -2.57 -1.47 8.84
CA ARG A 2 -2.01 -0.55 7.83
C ARG A 2 -0.79 -1.06 7.02
N ARG A 3 -0.94 -2.26 6.43
CA ARG A 3 -0.53 -2.59 5.05
C ARG A 3 -1.43 -3.71 4.53
N PHE A 4 -2.30 -3.50 3.53
CA PHE A 4 -1.98 -3.42 2.09
C PHE A 4 -2.89 -2.55 1.19
N ASP A 5 -2.77 -1.23 1.33
CA ASP A 5 -3.11 -0.28 0.28
C ASP A 5 -2.06 0.79 0.07
N LEU A 6 -1.44 1.32 1.14
CA LEU A 6 -0.22 2.19 1.11
C LEU A 6 1.06 1.60 0.44
N LEU A 7 0.96 0.50 -0.31
CA LEU A 7 1.95 0.00 -1.27
C LEU A 7 1.43 -0.31 -2.70
N LYS A 8 0.11 -0.53 -2.89
CA LYS A 8 -0.60 -0.17 -4.15
C LYS A 8 -0.66 1.35 -4.41
N ARG A 9 -0.15 2.15 -3.46
CA ARG A 9 0.12 3.59 -3.61
C ARG A 9 1.58 3.91 -3.96
N ILE A 10 2.50 2.96 -3.75
CA ILE A 10 3.92 3.08 -4.13
C ILE A 10 4.14 2.54 -5.55
N LEU A 11 3.50 1.41 -5.89
CA LEU A 11 3.53 0.79 -7.23
C LEU A 11 2.81 1.60 -8.35
N LYS A 12 2.46 2.88 -8.13
CA LYS A 12 2.00 3.74 -9.23
C LYS A 12 3.13 3.98 -10.26
N VAL A 1 -2.63 -3.23 10.82
CA VAL A 1 -3.56 -2.38 10.05
C VAL A 1 -2.88 -1.20 9.32
N ARG A 2 -1.55 -1.24 9.23
CA ARG A 2 -0.77 -0.44 8.25
C ARG A 2 0.26 -1.16 7.39
N ARG A 3 0.04 -2.44 7.01
CA ARG A 3 0.43 -2.87 5.65
C ARG A 3 -0.50 -3.93 5.00
N PHE A 4 -1.43 -3.51 4.09
CA PHE A 4 -1.29 -3.66 2.60
C PHE A 4 -2.22 -2.98 1.49
N ASP A 5 -2.83 -1.77 1.66
CA ASP A 5 -3.15 -0.80 0.53
C ASP A 5 -1.97 0.16 0.19
N LEU A 6 -0.94 0.19 1.06
CA LEU A 6 0.13 1.22 1.01
C LEU A 6 1.34 0.89 0.13
N LEU A 7 1.59 -0.40 -0.21
CA LEU A 7 2.32 -0.68 -1.47
C LEU A 7 1.39 -0.78 -2.71
N LYS A 8 0.09 -1.04 -2.50
CA LYS A 8 -0.99 -0.79 -3.50
C LYS A 8 -1.38 0.72 -3.64
N ARG A 9 -0.53 1.63 -3.11
CA ARG A 9 -0.47 3.11 -3.29
C ARG A 9 0.86 3.56 -3.90
N ILE A 10 1.98 2.86 -3.64
CA ILE A 10 3.29 3.12 -4.31
C ILE A 10 3.23 2.70 -5.80
N LEU A 11 2.73 1.50 -6.13
CA LEU A 11 2.75 0.97 -7.51
C LEU A 11 1.78 1.66 -8.48
N LYS A 12 0.72 2.29 -7.96
CA LYS A 12 -0.19 3.18 -8.71
C LYS A 12 -0.74 4.26 -7.77
N VAL A 1 -1.83 -1.36 11.19
CA VAL A 1 -2.47 -0.03 11.16
C VAL A 1 -2.06 0.80 9.93
N ARG A 2 -1.93 0.04 8.84
CA ARG A 2 -1.25 0.30 7.55
C ARG A 2 0.08 -0.46 7.50
N ARG A 3 0.00 -1.72 7.05
CA ARG A 3 0.46 -2.06 5.68
C ARG A 3 -0.27 -3.31 5.10
N PHE A 4 -1.19 -3.13 4.13
CA PHE A 4 -1.01 -3.54 2.72
C PHE A 4 -2.05 -3.16 1.63
N ASP A 5 -2.55 -1.91 1.64
CA ASP A 5 -2.84 -1.17 0.38
C ASP A 5 -2.08 0.17 0.40
N LEU A 6 -0.81 0.14 0.86
CA LEU A 6 0.18 1.18 0.51
C LEU A 6 1.31 0.73 -0.42
N LEU A 7 1.64 -0.57 -0.52
CA LEU A 7 2.45 -1.02 -1.69
C LEU A 7 1.59 -1.39 -2.91
N LYS A 8 0.25 -1.48 -2.74
CA LYS A 8 -0.72 -1.22 -3.81
C LYS A 8 -1.03 0.29 -4.02
N ARG A 9 -0.12 1.15 -3.51
CA ARG A 9 0.12 2.57 -3.90
C ARG A 9 1.60 2.88 -4.19
N ILE A 10 2.46 1.85 -4.32
CA ILE A 10 3.78 1.96 -4.99
C ILE A 10 3.69 1.43 -6.42
N LEU A 11 2.95 0.32 -6.60
CA LEU A 11 2.15 0.11 -7.83
C LEU A 11 0.82 0.87 -7.72
N LYS A 12 0.86 2.19 -7.94
CA LYS A 12 -0.32 3.07 -8.07
C LYS A 12 -1.36 2.49 -9.05
N VAL A 1 -1.02 -1.61 12.81
CA VAL A 1 -1.32 -2.08 11.46
C VAL A 1 -1.03 -1.05 10.36
N ARG A 2 -2.08 -0.58 9.68
CA ARG A 2 -2.06 0.32 8.51
C ARG A 2 -1.11 -0.12 7.40
N ARG A 3 -1.11 -1.44 7.16
CA ARG A 3 -0.42 -2.05 6.02
C ARG A 3 -1.37 -2.44 4.87
N PHE A 4 -1.10 -3.54 4.16
CA PHE A 4 -1.25 -3.74 2.70
C PHE A 4 -2.56 -3.50 1.87
N ASP A 5 -2.96 -2.20 1.72
CA ASP A 5 -3.20 -1.56 0.42
C ASP A 5 -2.11 -0.51 0.10
N LEU A 6 -1.04 -0.40 0.92
CA LEU A 6 -0.03 0.72 0.77
C LEU A 6 1.22 0.38 -0.05
N LEU A 7 1.45 -0.90 -0.40
CA LEU A 7 2.22 -1.25 -1.61
C LEU A 7 1.32 -1.22 -2.85
N LYS A 8 0.01 -1.43 -2.64
CA LYS A 8 -1.01 -1.08 -3.61
C LYS A 8 -1.26 0.47 -3.67
N ARG A 9 -0.50 1.26 -2.89
CA ARG A 9 -0.24 2.71 -3.08
C ARG A 9 1.08 2.99 -3.79
N ILE A 10 2.17 2.23 -3.55
CA ILE A 10 3.43 2.44 -4.31
C ILE A 10 3.29 2.06 -5.80
N LEU A 11 2.39 1.14 -6.18
CA LEU A 11 2.06 0.83 -7.59
C LEU A 11 1.35 1.96 -8.37
N LYS A 12 0.77 2.96 -7.66
CA LYS A 12 -0.36 3.78 -8.12
C LYS A 12 -0.21 4.26 -9.58
#